data_6LY7
#
_entry.id   6LY7
#
_cell.length_a   105.346
_cell.length_b   105.346
_cell.length_c   72.396
_cell.angle_alpha   90.000
_cell.angle_beta   90.000
_cell.angle_gamma   120.000
#
_symmetry.space_group_name_H-M   'P 64'
#
loop_
_entity.id
_entity.type
_entity.pdbx_description
1 polymer 'Pyrrolysine--tRNA ligase'
2 non-polymer 'PHOSPHOAMINOPHOSPHONIC ACID-ADENYLATE ESTER'
3 non-polymer 'MAGNESIUM ION'
4 non-polymer N1-FORMYL-TRYPTOPHAN
5 water water
#
_entity_poly.entity_id   1
_entity_poly.type   'polypeptide(L)'
_entity_poly.pdbx_seq_one_letter_code
;MHHHHHHASAPALTKSQTDRLEVLLNPKDEISLNSGKPFRELESELLSRRKKDLQQIYAEERENYLGKLEREITRFFVDR
GFLEIKSPILIPLEYIERMGIDNDTELSKQIFRVDKNFCLRPMLAPNLYNYLRKLDRALPDPIKIFEIGPCYRKESDGKE
HLEEFTMLGFQQMGSGCTRENLESIITDFLNHLGIDFKIVGDSCMVYGDTLDVMHGDLELSSAGVGPIPLDREWGIDKPW
IGAGFGLERLLKVKHDFKNIKRAARSESYYNGISTNL
;
_entity_poly.pdbx_strand_id   A
#
loop_
_chem_comp.id
_chem_comp.type
_chem_comp.name
_chem_comp.formula
ANP non-polymer 'PHOSPHOAMINOPHOSPHONIC ACID-ADENYLATE ESTER' 'C10 H17 N6 O12 P3'
MG non-polymer 'MAGNESIUM ION' 'Mg 2'
#
# COMPACT_ATOMS: atom_id res chain seq x y z
N ALA A 12 19.80 34.51 3.55
CA ALA A 12 18.69 33.79 2.97
C ALA A 12 19.11 32.49 2.29
N LEU A 13 18.42 31.43 2.63
CA LEU A 13 18.74 30.13 2.04
C LEU A 13 18.28 30.09 0.59
N THR A 14 19.10 29.47 -0.25
CA THR A 14 18.69 29.17 -1.63
C THR A 14 17.61 28.08 -1.64
N LYS A 15 16.89 27.98 -2.76
CA LYS A 15 15.91 26.90 -2.90
C LYS A 15 16.59 25.53 -2.86
N SER A 16 17.82 25.43 -3.41
CA SER A 16 18.56 24.17 -3.37
C SER A 16 18.94 23.82 -1.95
N GLN A 17 19.36 24.81 -1.17
CA GLN A 17 19.69 24.59 0.23
C GLN A 17 18.48 24.15 1.03
N THR A 18 17.29 24.76 0.77
CA THR A 18 16.11 24.35 1.52
C THR A 18 15.63 22.96 1.09
N ASP A 19 15.77 22.60 -0.20
CA ASP A 19 15.58 21.22 -0.64
C ASP A 19 16.40 20.24 0.21
N ARG A 20 17.68 20.55 0.39
CA ARG A 20 18.58 19.70 1.17
C ARG A 20 18.08 19.57 2.60
N LEU A 21 17.77 20.70 3.23
CA LEU A 21 17.26 20.68 4.60
C LEU A 21 15.94 19.92 4.69
N GLU A 22 15.08 20.02 3.66
CA GLU A 22 13.79 19.33 3.72
C GLU A 22 13.95 17.81 3.67
N VAL A 23 14.97 17.28 2.95
CA VAL A 23 15.30 15.86 2.97
C VAL A 23 15.62 15.40 4.40
N LEU A 24 16.33 16.26 5.13
CA LEU A 24 16.83 15.93 6.46
C LEU A 24 15.80 16.16 7.56
N LEU A 25 14.72 16.87 7.25
CA LEU A 25 13.70 17.22 8.22
C LEU A 25 12.74 16.06 8.47
N ASN A 26 12.49 15.72 9.75
CA ASN A 26 11.42 14.74 9.97
C ASN A 26 10.16 15.43 10.50
N PRO A 27 8.98 14.83 10.31
CA PRO A 27 7.75 15.57 10.65
C PRO A 27 7.68 15.99 12.11
N LYS A 28 8.24 15.18 13.03
CA LYS A 28 8.22 15.50 14.46
C LYS A 28 9.16 16.65 14.83
N ASP A 29 10.14 16.96 13.97
CA ASP A 29 11.06 18.06 14.22
C ASP A 29 10.30 19.36 14.43
N GLU A 30 10.76 20.16 15.40
CA GLU A 30 10.25 21.52 15.54
C GLU A 30 11.30 22.56 15.18
N ILE A 31 11.80 22.51 13.94
CA ILE A 31 12.82 23.45 13.46
C ILE A 31 12.20 24.30 12.36
N SER A 32 12.60 25.58 12.32
CA SER A 32 12.15 26.52 11.32
C SER A 32 13.29 26.82 10.35
N LEU A 33 13.09 26.49 9.08
CA LEU A 33 14.08 26.82 8.05
C LEU A 33 13.99 28.27 7.59
N ASN A 34 13.06 29.05 8.14
CA ASN A 34 12.94 30.48 7.84
C ASN A 34 13.56 31.37 8.91
N SER A 35 14.16 30.79 9.95
CA SER A 35 14.87 31.57 10.95
C SER A 35 16.19 32.10 10.38
N GLY A 36 16.87 32.92 11.18
CA GLY A 36 18.11 33.55 10.73
C GLY A 36 19.38 32.80 11.05
N LYS A 37 19.36 31.47 10.88
CA LYS A 37 20.50 30.60 11.12
C LYS A 37 21.10 30.14 9.79
N PRO A 38 22.42 30.14 9.65
CA PRO A 38 23.03 29.83 8.34
C PRO A 38 22.78 28.39 7.90
N PHE A 39 22.86 28.15 6.59
CA PHE A 39 22.62 26.82 6.04
C PHE A 39 23.52 25.76 6.68
N ARG A 40 24.84 26.02 6.72
CA ARG A 40 25.75 24.99 7.23
C ARG A 40 25.40 24.57 8.65
N GLU A 41 24.90 25.48 9.48
CA GLU A 41 24.56 25.12 10.85
C GLU A 41 23.18 24.50 11.00
N LEU A 42 22.19 24.90 10.18
CA LEU A 42 20.95 24.14 10.13
C LEU A 42 21.19 22.73 9.62
N GLU A 43 22.03 22.58 8.59
CA GLU A 43 22.34 21.25 8.07
C GLU A 43 23.07 20.42 9.11
N SER A 44 24.06 21.00 9.80
CA SER A 44 24.79 20.22 10.78
C SER A 44 23.90 19.80 11.94
N GLU A 45 22.95 20.65 12.32
CA GLU A 45 22.12 20.15 13.41
C GLU A 45 21.17 19.07 12.92
N LEU A 46 20.57 19.17 11.74
CA LEU A 46 19.67 18.11 11.29
C LEU A 46 20.44 16.80 11.07
N LEU A 47 21.65 16.88 10.50
CA LEU A 47 22.47 15.67 10.34
C LEU A 47 22.65 14.95 11.67
N SER A 48 22.91 15.70 12.74
CA SER A 48 23.10 15.09 14.05
C SER A 48 21.81 14.42 14.54
N ARG A 49 20.67 15.07 14.36
CA ARG A 49 19.42 14.43 14.80
C ARG A 49 19.13 13.16 14.01
N ARG A 50 19.36 13.15 12.68
CA ARG A 50 19.02 11.98 11.89
C ARG A 50 19.97 10.83 12.15
N LYS A 51 21.26 11.11 12.41
CA LYS A 51 22.17 10.04 12.83
C LYS A 51 21.73 9.40 14.14
N LYS A 52 21.29 10.22 15.12
CA LYS A 52 20.82 9.68 16.39
C LYS A 52 19.56 8.85 16.21
N ASP A 53 18.64 9.31 15.34
CA ASP A 53 17.46 8.52 15.05
C ASP A 53 17.84 7.13 14.54
N LEU A 54 18.77 7.05 13.57
CA LEU A 54 19.19 5.73 13.08
C LEU A 54 19.90 4.93 14.16
N GLN A 55 20.76 5.57 14.94
CA GLN A 55 21.44 4.86 16.01
C GLN A 55 20.45 4.24 16.98
N GLN A 56 19.36 4.96 17.27
CA GLN A 56 18.35 4.45 18.20
C GLN A 56 17.56 3.29 17.62
N ILE A 57 17.19 3.37 16.32
CA ILE A 57 16.60 2.19 15.68
C ILE A 57 17.54 1.01 15.76
N TYR A 58 18.82 1.24 15.43
CA TYR A 58 19.78 0.14 15.39
C TYR A 58 20.00 -0.46 16.77
N ALA A 59 19.98 0.37 17.82
CA ALA A 59 20.22 -0.13 19.17
C ALA A 59 19.00 -0.86 19.73
N GLU A 60 17.80 -0.40 19.39
CA GLU A 60 16.67 -1.02 20.05
C GLU A 60 15.84 -1.84 19.07
N GLU A 61 14.99 -1.30 18.19
CA GLU A 61 14.05 -2.24 17.58
C GLU A 61 14.60 -2.95 16.33
N ARG A 62 15.18 -2.21 15.39
CA ARG A 62 15.83 -2.74 14.19
C ARG A 62 14.87 -3.24 13.12
N GLU A 63 13.57 -2.94 13.19
CA GLU A 63 12.63 -3.43 12.19
C GLU A 63 12.25 -2.35 11.18
N ASN A 64 12.13 -2.77 9.93
CA ASN A 64 11.78 -1.86 8.85
C ASN A 64 10.27 -1.59 8.87
N TYR A 65 9.88 -0.32 8.71
CA TYR A 65 8.47 0.04 8.80
C TYR A 65 7.58 -0.80 7.89
N LEU A 66 8.02 -1.03 6.65
CA LEU A 66 7.18 -1.74 5.67
C LEU A 66 7.06 -3.21 6.03
N GLY A 67 8.18 -3.86 6.42
CA GLY A 67 8.09 -5.23 6.87
C GLY A 67 7.24 -5.38 8.13
N LYS A 68 7.42 -4.47 9.08
CA LYS A 68 6.68 -4.52 10.35
C LYS A 68 5.19 -4.31 10.14
N LEU A 69 4.81 -3.39 9.24
CA LEU A 69 3.40 -3.21 8.92
C LEU A 69 2.83 -4.45 8.25
N GLU A 70 3.61 -5.03 7.34
CA GLU A 70 3.12 -6.23 6.66
C GLU A 70 2.89 -7.35 7.68
N ARG A 71 3.78 -7.49 8.66
CA ARG A 71 3.60 -8.51 9.69
C ARG A 71 2.38 -8.20 10.57
N GLU A 72 2.16 -6.92 10.90
CA GLU A 72 1.01 -6.55 11.72
C GLU A 72 -0.31 -6.80 10.97
N ILE A 73 -0.40 -6.39 9.71
CA ILE A 73 -1.62 -6.68 8.93
C ILE A 73 -1.85 -8.19 8.82
N THR A 74 -0.77 -8.96 8.62
CA THR A 74 -0.87 -10.41 8.49
C THR A 74 -1.51 -11.03 9.73
N ARG A 75 -1.04 -10.62 10.92
CA ARG A 75 -1.60 -11.16 12.16
C ARG A 75 -3.06 -10.80 12.30
N PHE A 76 -3.42 -9.58 11.91
CA PHE A 76 -4.82 -9.17 11.95
C PHE A 76 -5.70 -10.09 11.12
N PHE A 77 -5.33 -10.32 9.86
CA PHE A 77 -6.22 -11.08 8.99
C PHE A 77 -6.18 -12.58 9.27
N VAL A 78 -5.01 -13.13 9.62
CA VAL A 78 -4.98 -14.54 10.02
C VAL A 78 -5.89 -14.74 11.24
N ASP A 79 -5.82 -13.83 12.21
CA ASP A 79 -6.62 -13.97 13.42
C ASP A 79 -8.11 -13.91 13.12
N ARG A 80 -8.49 -13.17 12.10
CA ARG A 80 -9.88 -13.01 11.72
C ARG A 80 -10.37 -14.12 10.78
N GLY A 81 -9.53 -15.12 10.49
CA GLY A 81 -9.93 -16.27 9.70
C GLY A 81 -9.57 -16.25 8.22
N PHE A 82 -8.71 -15.31 7.78
CA PHE A 82 -8.34 -15.24 6.37
C PHE A 82 -7.06 -16.03 6.13
N LEU A 83 -7.04 -16.80 5.04
CA LEU A 83 -5.86 -17.60 4.67
C LEU A 83 -4.81 -16.70 4.01
N GLU A 84 -3.55 -16.82 4.43
CA GLU A 84 -2.48 -15.99 3.89
C GLU A 84 -1.97 -16.58 2.57
N ILE A 85 -2.08 -15.80 1.49
CA ILE A 85 -1.66 -16.20 0.14
C ILE A 85 -0.33 -15.50 -0.20
N LYS A 86 0.57 -16.22 -0.87
CA LYS A 86 1.74 -15.60 -1.51
C LYS A 86 1.79 -16.12 -2.94
N SER A 87 1.39 -15.27 -3.90
CA SER A 87 1.21 -15.69 -5.29
C SER A 87 2.19 -14.93 -6.21
N PRO A 88 2.31 -15.29 -7.49
CA PRO A 88 3.40 -14.70 -8.29
C PRO A 88 3.27 -13.19 -8.44
N ILE A 89 4.42 -12.53 -8.53
CA ILE A 89 4.47 -11.09 -8.81
C ILE A 89 4.61 -10.86 -10.31
N LEU A 90 5.35 -11.74 -10.98
CA LEU A 90 5.47 -11.77 -12.43
C LEU A 90 4.32 -12.64 -12.94
N ILE A 91 3.33 -12.01 -13.57
CA ILE A 91 2.07 -12.69 -13.90
C ILE A 91 1.89 -12.70 -15.42
N PRO A 92 1.05 -13.61 -15.93
CA PRO A 92 0.74 -13.60 -17.38
C PRO A 92 0.06 -12.31 -17.79
N LEU A 93 0.50 -11.77 -18.94
CA LEU A 93 -0.11 -10.56 -19.47
C LEU A 93 -1.60 -10.75 -19.76
N GLU A 94 -1.99 -11.98 -20.20
CA GLU A 94 -3.40 -12.30 -20.44
C GLU A 94 -4.29 -11.94 -19.25
N TYR A 95 -3.74 -11.97 -18.03
CA TYR A 95 -4.55 -11.67 -16.85
C TYR A 95 -5.06 -10.24 -16.89
N ILE A 96 -4.28 -9.31 -17.44
CA ILE A 96 -4.68 -7.92 -17.45
C ILE A 96 -5.87 -7.71 -18.37
N GLU A 97 -5.77 -8.19 -19.62
CA GLU A 97 -6.92 -8.13 -20.52
C GLU A 97 -8.14 -8.80 -19.88
N ARG A 98 -7.94 -9.99 -19.30
CA ARG A 98 -9.07 -10.71 -18.76
C ARG A 98 -9.70 -10.00 -17.57
N MET A 99 -9.01 -9.03 -16.97
CA MET A 99 -9.62 -8.18 -15.94
C MET A 99 -10.48 -7.07 -16.52
N GLY A 100 -10.71 -7.06 -17.84
CA GLY A 100 -11.43 -5.97 -18.47
C GLY A 100 -10.61 -4.72 -18.69
N ILE A 101 -9.27 -4.83 -18.63
CA ILE A 101 -8.39 -3.67 -18.77
C ILE A 101 -7.97 -3.63 -20.24
N ASP A 102 -8.78 -2.92 -21.05
CA ASP A 102 -8.49 -2.62 -22.44
C ASP A 102 -7.90 -1.22 -22.56
N ASN A 103 -7.67 -0.76 -23.78
CA ASN A 103 -6.92 0.49 -23.98
C ASN A 103 -7.71 1.73 -23.57
N ASP A 104 -9.01 1.59 -23.28
CA ASP A 104 -9.76 2.75 -22.82
C ASP A 104 -9.42 3.07 -21.38
N THR A 105 -9.12 2.05 -20.57
CA THR A 105 -8.76 2.29 -19.19
C THR A 105 -7.38 2.93 -19.07
N GLU A 106 -7.17 3.69 -17.98
CA GLU A 106 -5.82 4.22 -17.74
C GLU A 106 -4.84 3.09 -17.43
N LEU A 107 -5.29 2.01 -16.78
CA LEU A 107 -4.37 0.98 -16.30
C LEU A 107 -3.65 0.26 -17.44
N SER A 108 -4.27 0.17 -18.63
CA SER A 108 -3.62 -0.46 -19.78
C SER A 108 -2.26 0.15 -20.06
N LYS A 109 -2.13 1.47 -19.84
CA LYS A 109 -0.91 2.20 -20.18
C LYS A 109 0.10 2.21 -19.04
N GLN A 110 -0.27 1.69 -17.86
CA GLN A 110 0.59 1.72 -16.68
C GLN A 110 1.34 0.41 -16.44
N ILE A 111 1.25 -0.55 -17.36
CA ILE A 111 1.79 -1.88 -17.13
C ILE A 111 3.29 -1.90 -17.43
N PHE A 112 4.07 -2.46 -16.50
CA PHE A 112 5.47 -2.80 -16.76
C PHE A 112 5.51 -4.17 -17.41
N ARG A 113 5.78 -4.22 -18.71
CA ARG A 113 5.85 -5.49 -19.42
C ARG A 113 7.23 -6.15 -19.27
N VAL A 114 7.23 -7.48 -19.23
CA VAL A 114 8.45 -8.28 -19.12
C VAL A 114 8.37 -9.39 -20.16
N ASP A 115 9.42 -9.53 -20.97
CA ASP A 115 9.38 -10.47 -22.09
C ASP A 115 8.15 -10.23 -22.97
N LYS A 116 7.72 -11.24 -23.71
CA LYS A 116 6.61 -10.98 -24.62
C LYS A 116 5.27 -11.30 -23.98
N ASN A 117 5.25 -12.15 -22.96
CA ASN A 117 4.00 -12.68 -22.43
C ASN A 117 3.74 -12.33 -20.97
N PHE A 118 4.66 -11.66 -20.27
CA PHE A 118 4.52 -11.46 -18.84
C PHE A 118 4.56 -9.99 -18.47
N CYS A 119 4.15 -9.69 -17.23
CA CYS A 119 4.24 -8.33 -16.72
C CYS A 119 4.39 -8.38 -15.22
N LEU A 120 4.80 -7.25 -14.65
CA LEU A 120 4.78 -7.05 -13.21
C LEU A 120 3.36 -6.74 -12.81
N ARG A 121 2.81 -7.49 -11.85
CA ARG A 121 1.39 -7.35 -11.56
C ARG A 121 1.11 -5.93 -11.09
N PRO A 122 0.10 -5.26 -11.65
CA PRO A 122 -0.32 -3.95 -11.13
C PRO A 122 -1.43 -4.03 -10.10
N MET A 123 -1.89 -5.24 -9.78
CA MET A 123 -3.09 -5.44 -8.99
C MET A 123 -3.06 -6.88 -8.46
N LEU A 124 -3.87 -7.15 -7.44
CA LEU A 124 -3.92 -8.47 -6.84
C LEU A 124 -5.18 -9.24 -7.22
N ALA A 125 -6.20 -8.56 -7.75
CA ALA A 125 -7.47 -9.21 -8.07
C ALA A 125 -7.34 -10.46 -8.93
N PRO A 126 -6.54 -10.49 -10.00
CA PRO A 126 -6.49 -11.73 -10.82
C PRO A 126 -6.02 -12.94 -10.03
N ASN A 127 -4.94 -12.79 -9.25
CA ASN A 127 -4.42 -13.94 -8.51
C ASN A 127 -5.39 -14.38 -7.41
N LEU A 128 -6.12 -13.44 -6.79
CA LEU A 128 -7.03 -13.83 -5.73
C LEU A 128 -8.31 -14.47 -6.29
N TYR A 129 -8.80 -13.96 -7.43
CA TYR A 129 -9.85 -14.67 -8.18
C TYR A 129 -9.50 -16.14 -8.39
N ASN A 130 -8.28 -16.41 -8.89
CA ASN A 130 -7.88 -17.78 -9.19
C ASN A 130 -7.81 -18.62 -7.91
N TYR A 131 -7.35 -18.04 -6.80
CA TYR A 131 -7.33 -18.80 -5.56
C TYR A 131 -8.74 -19.06 -5.05
N LEU A 132 -9.65 -18.09 -5.21
CA LEU A 132 -11.02 -18.31 -4.74
C LEU A 132 -11.68 -19.46 -5.50
N ARG A 133 -11.51 -19.48 -6.83
CA ARG A 133 -12.08 -20.57 -7.63
C ARG A 133 -11.51 -21.92 -7.21
N LYS A 134 -10.17 -22.02 -7.08
CA LYS A 134 -9.58 -23.31 -6.73
C LYS A 134 -9.92 -23.74 -5.30
N LEU A 135 -9.85 -22.81 -4.33
CA LEU A 135 -10.07 -23.19 -2.94
C LEU A 135 -11.53 -23.53 -2.65
N ASP A 136 -12.45 -23.09 -3.52
CA ASP A 136 -13.85 -23.41 -3.31
C ASP A 136 -14.16 -24.90 -3.51
N ARG A 137 -13.26 -25.64 -4.15
CA ARG A 137 -13.43 -27.09 -4.20
C ARG A 137 -12.96 -27.80 -2.94
N ALA A 138 -12.39 -27.10 -1.96
CA ALA A 138 -11.75 -27.79 -0.84
C ALA A 138 -12.09 -27.19 0.52
N LEU A 139 -12.44 -25.91 0.58
CA LEU A 139 -12.62 -25.28 1.87
C LEU A 139 -14.09 -25.00 2.13
N PRO A 140 -14.53 -25.01 3.39
CA PRO A 140 -15.92 -24.71 3.69
C PRO A 140 -16.25 -23.23 3.56
N ASP A 141 -17.53 -22.98 3.38
CA ASP A 141 -18.07 -21.64 3.15
C ASP A 141 -18.17 -20.87 4.47
N PRO A 142 -17.76 -19.58 4.52
CA PRO A 142 -17.19 -18.76 3.44
C PRO A 142 -15.70 -18.96 3.28
N ILE A 143 -15.18 -18.61 2.11
CA ILE A 143 -13.77 -18.66 1.80
C ILE A 143 -13.19 -17.26 2.00
N LYS A 144 -12.21 -17.14 2.88
CA LYS A 144 -11.59 -15.86 3.22
C LYS A 144 -10.09 -15.96 2.96
N ILE A 145 -9.57 -15.08 2.10
CA ILE A 145 -8.15 -15.08 1.78
C ILE A 145 -7.63 -13.65 1.74
N PHE A 146 -6.30 -13.52 1.81
CA PHE A 146 -5.67 -12.21 1.72
C PHE A 146 -4.22 -12.40 1.25
N GLU A 147 -3.68 -11.36 0.65
CA GLU A 147 -2.27 -11.35 0.24
C GLU A 147 -1.72 -9.95 0.45
N ILE A 148 -0.42 -9.89 0.77
CA ILE A 148 0.36 -8.65 0.84
C ILE A 148 1.63 -8.85 0.01
N GLY A 149 1.91 -7.93 -0.90
CA GLY A 149 3.13 -8.02 -1.65
C GLY A 149 3.27 -6.94 -2.71
N PRO A 150 4.43 -6.93 -3.39
CA PRO A 150 4.71 -5.88 -4.37
C PRO A 150 3.73 -5.81 -5.54
N CYS A 151 3.43 -4.58 -5.97
CA CYS A 151 2.68 -4.29 -7.19
C CYS A 151 3.35 -3.12 -7.90
N TYR A 152 3.16 -3.03 -9.21
CA TYR A 152 3.93 -2.11 -10.07
C TYR A 152 3.01 -1.41 -11.06
N ARG A 153 3.11 -0.08 -11.12
CA ARG A 153 2.37 0.74 -12.07
C ARG A 153 3.26 1.91 -12.50
N LYS A 154 3.28 2.21 -13.80
CA LYS A 154 3.88 3.45 -14.27
C LYS A 154 2.99 4.63 -13.87
N GLU A 155 3.60 5.63 -13.23
CA GLU A 155 2.88 6.78 -12.69
C GLU A 155 3.63 8.07 -13.04
N SER A 156 2.89 9.16 -13.17
CA SER A 156 3.47 10.50 -13.17
C SER A 156 4.02 10.79 -11.78
N ASP A 157 5.07 11.63 -11.73
CA ASP A 157 5.62 12.02 -10.43
C ASP A 157 4.50 12.57 -9.57
N GLY A 158 4.53 12.20 -8.29
CA GLY A 158 3.42 12.55 -7.44
C GLY A 158 3.72 12.24 -6.00
N LYS A 159 3.23 13.10 -5.11
CA LYS A 159 3.46 12.92 -3.68
C LYS A 159 2.69 11.73 -3.11
N GLU A 160 1.73 11.17 -3.84
CA GLU A 160 0.93 10.03 -3.35
C GLU A 160 1.17 8.74 -4.12
N HIS A 161 2.07 8.71 -5.11
CA HIS A 161 2.20 7.56 -6.00
C HIS A 161 3.64 7.07 -6.07
N LEU A 162 3.80 5.75 -6.03
CA LEU A 162 5.06 5.07 -6.27
C LEU A 162 4.88 4.16 -7.47
N GLU A 163 5.97 3.95 -8.20
CA GLU A 163 5.88 2.95 -9.27
C GLU A 163 6.05 1.54 -8.74
N GLU A 164 6.79 1.38 -7.64
CA GLU A 164 6.94 0.12 -6.94
C GLU A 164 6.30 0.29 -5.55
N PHE A 165 5.16 -0.36 -5.32
CA PHE A 165 4.46 -0.20 -4.04
C PHE A 165 4.03 -1.58 -3.52
N THR A 166 3.38 -1.59 -2.36
CA THR A 166 2.98 -2.80 -1.66
C THR A 166 1.48 -2.74 -1.42
N MET A 167 0.77 -3.78 -1.82
N MET A 167 0.77 -3.77 -1.84
CA MET A 167 -0.68 -3.87 -1.77
CA MET A 167 -0.67 -3.78 -1.70
C MET A 167 -1.10 -4.94 -0.78
C MET A 167 -1.13 -4.92 -0.81
N LEU A 168 -2.05 -4.60 0.08
CA LEU A 168 -2.86 -5.59 0.79
C LEU A 168 -4.14 -5.80 -0.02
N GLY A 169 -4.42 -7.04 -0.37
CA GLY A 169 -5.73 -7.35 -0.93
C GLY A 169 -6.39 -8.47 -0.15
N PHE A 170 -7.66 -8.33 0.23
CA PHE A 170 -8.38 -9.42 0.87
C PHE A 170 -9.73 -9.64 0.19
N GLN A 171 -10.26 -10.86 0.29
CA GLN A 171 -11.53 -11.19 -0.35
C GLN A 171 -12.22 -12.32 0.42
N GLN A 172 -13.51 -12.18 0.64
CA GLN A 172 -14.34 -13.24 1.19
C GLN A 172 -15.38 -13.62 0.15
N MET A 173 -15.67 -14.93 0.01
CA MET A 173 -16.61 -15.43 -1.00
C MET A 173 -17.56 -16.44 -0.38
N GLY A 174 -18.86 -16.32 -0.70
CA GLY A 174 -19.89 -17.17 -0.14
C GLY A 174 -20.86 -16.44 0.78
N SER A 175 -21.19 -17.04 1.92
CA SER A 175 -22.12 -16.41 2.84
C SER A 175 -21.48 -15.19 3.51
N GLY A 176 -22.32 -14.34 4.08
CA GLY A 176 -21.84 -13.19 4.83
C GLY A 176 -21.28 -12.07 3.98
N CYS A 177 -21.45 -12.09 2.65
CA CYS A 177 -20.80 -11.12 1.79
C CYS A 177 -21.73 -9.91 1.57
N THR A 178 -21.93 -9.20 2.67
CA THR A 178 -22.76 -8.00 2.67
C THR A 178 -21.88 -6.76 2.75
N ARG A 179 -22.44 -5.64 2.35
CA ARG A 179 -21.76 -4.39 2.46
C ARG A 179 -21.52 -4.07 3.92
N GLU A 180 -22.49 -4.35 4.78
CA GLU A 180 -22.30 -4.06 6.20
C GLU A 180 -21.10 -4.85 6.76
N ASN A 181 -20.95 -6.13 6.37
CA ASN A 181 -19.82 -6.91 6.85
C ASN A 181 -18.51 -6.39 6.27
N LEU A 182 -18.54 -5.92 5.03
CA LEU A 182 -17.33 -5.38 4.43
C LEU A 182 -16.92 -4.10 5.16
N GLU A 183 -17.87 -3.22 5.48
CA GLU A 183 -17.51 -2.00 6.18
C GLU A 183 -16.99 -2.30 7.60
N SER A 184 -17.51 -3.34 8.23
CA SER A 184 -17.04 -3.69 9.57
C SER A 184 -15.59 -4.16 9.55
N ILE A 185 -15.19 -4.94 8.54
CA ILE A 185 -13.80 -5.38 8.44
C ILE A 185 -12.88 -4.18 8.25
N ILE A 186 -13.20 -3.31 7.29
CA ILE A 186 -12.44 -2.09 7.04
C ILE A 186 -12.34 -1.26 8.31
N THR A 187 -13.47 -1.06 9.00
CA THR A 187 -13.50 -0.20 10.17
C THR A 187 -12.66 -0.78 11.32
N ASP A 188 -12.85 -2.06 11.65
CA ASP A 188 -12.00 -2.69 12.67
C ASP A 188 -10.53 -2.64 12.28
N PHE A 189 -10.24 -2.87 10.99
CA PHE A 189 -8.86 -2.94 10.51
C PHE A 189 -8.15 -1.62 10.72
N LEU A 190 -8.78 -0.52 10.30
CA LEU A 190 -8.12 0.77 10.38
C LEU A 190 -8.12 1.35 11.79
N ASN A 191 -9.12 0.98 12.61
CA ASN A 191 -9.08 1.38 14.02
C ASN A 191 -8.01 0.61 14.78
N HIS A 192 -7.75 -0.63 14.37
CA HIS A 192 -6.66 -1.43 14.92
C HIS A 192 -5.30 -0.81 14.59
N LEU A 193 -5.12 -0.35 13.35
CA LEU A 193 -3.87 0.30 12.93
C LEU A 193 -3.75 1.73 13.45
N GLY A 194 -4.85 2.37 13.81
CA GLY A 194 -4.77 3.74 14.27
C GLY A 194 -4.70 4.74 13.15
N ILE A 195 -5.51 4.56 12.11
CA ILE A 195 -5.49 5.41 10.94
C ILE A 195 -6.89 5.96 10.74
N ASP A 196 -7.00 7.29 10.62
CA ASP A 196 -8.30 7.94 10.46
C ASP A 196 -8.79 7.75 9.02
N PHE A 197 -10.10 7.63 8.84
CA PHE A 197 -10.65 7.32 7.53
C PHE A 197 -12.10 7.76 7.45
N LYS A 198 -12.63 7.80 6.23
CA LYS A 198 -14.05 7.90 5.96
C LYS A 198 -14.36 6.96 4.79
N ILE A 199 -15.47 6.25 4.89
CA ILE A 199 -15.94 5.40 3.80
C ILE A 199 -16.93 6.20 2.96
N VAL A 200 -16.68 6.30 1.64
CA VAL A 200 -17.59 7.03 0.73
C VAL A 200 -18.11 6.07 -0.32
N GLY A 201 -19.42 6.15 -0.59
CA GLY A 201 -20.06 5.35 -1.62
C GLY A 201 -21.12 6.07 -2.44
N THR A 210 -18.97 -0.79 -5.25
CA THR A 210 -18.01 0.29 -5.36
C THR A 210 -18.04 1.19 -4.11
N LEU A 211 -16.92 1.20 -3.40
CA LEU A 211 -16.79 1.96 -2.18
C LEU A 211 -15.33 2.33 -2.08
N ASP A 212 -15.08 3.54 -1.55
CA ASP A 212 -13.71 4.00 -1.39
C ASP A 212 -13.49 4.40 0.06
N VAL A 213 -12.30 4.10 0.56
CA VAL A 213 -11.87 4.47 1.90
C VAL A 213 -10.87 5.61 1.75
N MET A 214 -11.24 6.79 2.23
CA MET A 214 -10.47 8.01 2.06
C MET A 214 -9.87 8.50 3.37
N HIS A 215 -8.71 9.13 3.24
CA HIS A 215 -8.10 9.95 4.29
C HIS A 215 -7.98 11.33 3.67
N GLY A 216 -8.93 12.22 4.00
CA GLY A 216 -9.06 13.47 3.28
C GLY A 216 -9.18 13.22 1.79
N ASP A 217 -8.27 13.81 1.01
CA ASP A 217 -8.36 13.57 -0.43
C ASP A 217 -7.58 12.34 -0.88
N LEU A 218 -6.86 11.66 0.01
CA LEU A 218 -6.01 10.53 -0.35
C LEU A 218 -6.83 9.24 -0.30
N GLU A 219 -6.81 8.48 -1.40
CA GLU A 219 -7.46 7.17 -1.39
C GLU A 219 -6.57 6.14 -0.68
N LEU A 220 -7.06 5.60 0.44
CA LEU A 220 -6.40 4.47 1.09
C LEU A 220 -6.77 3.14 0.44
N SER A 221 -8.01 3.01 -0.04
CA SER A 221 -8.51 1.73 -0.49
C SER A 221 -9.65 1.95 -1.46
N SER A 222 -9.79 1.01 -2.39
CA SER A 222 -11.06 0.77 -3.10
C SER A 222 -11.58 -0.61 -2.72
N ALA A 223 -12.87 -0.70 -2.43
CA ALA A 223 -13.49 -1.93 -2.01
C ALA A 223 -14.60 -2.30 -2.98
N GLY A 224 -15.00 -3.57 -2.98
CA GLY A 224 -15.99 -4.05 -3.94
C GLY A 224 -16.93 -5.07 -3.34
N VAL A 225 -18.12 -5.18 -3.94
CA VAL A 225 -19.14 -6.16 -3.57
C VAL A 225 -19.60 -6.88 -4.84
N GLY A 226 -19.38 -8.19 -4.90
CA GLY A 226 -19.87 -9.01 -5.99
C GLY A 226 -21.19 -9.67 -5.61
N PRO A 227 -21.86 -10.35 -6.56
CA PRO A 227 -21.39 -10.68 -7.92
C PRO A 227 -21.37 -9.50 -8.88
N ILE A 228 -20.44 -9.56 -9.81
CA ILE A 228 -20.37 -8.63 -10.94
C ILE A 228 -20.19 -9.46 -12.20
N PRO A 229 -20.55 -8.92 -13.37
CA PRO A 229 -20.42 -9.72 -14.59
C PRO A 229 -19.02 -10.26 -14.83
N LEU A 230 -17.98 -9.54 -14.43
CA LEU A 230 -16.60 -9.97 -14.68
C LEU A 230 -16.29 -11.32 -14.03
N ASP A 231 -16.93 -11.64 -12.90
CA ASP A 231 -16.66 -12.88 -12.19
C ASP A 231 -16.71 -14.10 -13.10
N ARG A 232 -17.59 -14.06 -14.11
CA ARG A 232 -17.74 -15.33 -14.81
C ARG A 232 -16.53 -15.65 -15.69
N GLU A 233 -15.74 -14.67 -16.17
CA GLU A 233 -14.49 -14.96 -16.86
C GLU A 233 -13.48 -15.71 -15.98
N TRP A 234 -13.60 -15.57 -14.67
CA TRP A 234 -12.67 -16.17 -13.72
C TRP A 234 -13.24 -17.43 -13.07
N GLY A 235 -14.40 -17.89 -13.54
CA GLY A 235 -14.99 -19.11 -13.00
C GLY A 235 -15.59 -18.90 -11.63
N ILE A 236 -15.95 -17.66 -11.29
CA ILE A 236 -16.54 -17.32 -10.00
C ILE A 236 -18.05 -17.14 -10.19
N ASP A 237 -18.87 -17.76 -9.34
CA ASP A 237 -20.32 -17.53 -9.41
C ASP A 237 -20.96 -17.50 -8.03
N LYS A 238 -20.31 -16.87 -7.07
CA LYS A 238 -20.80 -16.70 -5.71
C LYS A 238 -20.65 -15.24 -5.34
N PRO A 239 -21.46 -14.73 -4.40
CA PRO A 239 -21.23 -13.35 -3.94
C PRO A 239 -19.86 -13.25 -3.27
N TRP A 240 -19.36 -12.02 -3.16
CA TRP A 240 -18.07 -11.79 -2.51
C TRP A 240 -17.98 -10.36 -2.03
N ILE A 241 -17.06 -10.12 -1.08
CA ILE A 241 -16.64 -8.78 -0.67
C ILE A 241 -15.11 -8.74 -0.61
N GLY A 242 -14.54 -7.56 -0.87
CA GLY A 242 -13.10 -7.45 -0.80
C GLY A 242 -12.66 -6.01 -0.93
N ALA A 243 -11.35 -5.80 -0.75
CA ALA A 243 -10.77 -4.46 -0.86
C ALA A 243 -9.26 -4.58 -1.10
N GLY A 244 -8.67 -3.49 -1.56
CA GLY A 244 -7.21 -3.39 -1.65
C GLY A 244 -6.71 -2.09 -1.05
N PHE A 245 -5.61 -2.20 -0.29
CA PHE A 245 -5.03 -1.08 0.45
C PHE A 245 -3.55 -0.95 0.09
N GLY A 246 -3.10 0.28 -0.16
CA GLY A 246 -1.66 0.50 -0.30
C GLY A 246 -0.95 0.65 1.04
N LEU A 247 0.04 -0.19 1.32
CA LEU A 247 0.74 -0.12 2.61
C LEU A 247 1.53 1.18 2.76
N GLU A 248 2.20 1.65 1.71
CA GLU A 248 2.95 2.91 1.84
C GLU A 248 2.02 4.10 2.10
N ARG A 249 0.80 4.08 1.55
CA ARG A 249 -0.15 5.14 1.90
C ARG A 249 -0.56 5.07 3.38
N LEU A 250 -0.73 3.86 3.92
CA LEU A 250 -1.03 3.76 5.35
C LEU A 250 0.12 4.31 6.18
N LEU A 251 1.37 4.00 5.81
CA LEU A 251 2.54 4.55 6.50
C LEU A 251 2.64 6.06 6.33
N LYS A 252 2.39 6.56 5.11
CA LYS A 252 2.40 8.00 4.87
C LYS A 252 1.45 8.72 5.83
N VAL A 253 0.21 8.21 5.97
CA VAL A 253 -0.75 8.81 6.90
C VAL A 253 -0.30 8.62 8.35
N LYS A 254 0.09 7.41 8.71
CA LYS A 254 0.43 7.14 10.10
C LYS A 254 1.57 7.96 10.63
N HIS A 255 2.60 8.14 9.83
CA HIS A 255 3.78 8.88 10.23
C HIS A 255 3.79 10.30 9.71
N ASP A 256 2.71 10.71 9.06
CA ASP A 256 2.57 12.09 8.58
C ASP A 256 3.72 12.50 7.66
N PHE A 257 4.13 11.62 6.75
CA PHE A 257 5.17 11.96 5.80
C PHE A 257 4.62 12.93 4.75
N LYS A 258 5.43 13.89 4.35
CA LYS A 258 4.88 14.79 3.33
C LYS A 258 4.92 14.17 1.94
N ASN A 259 5.82 13.23 1.65
CA ASN A 259 5.85 12.53 0.36
C ASN A 259 5.92 11.03 0.59
N ILE A 260 5.15 10.27 -0.20
CA ILE A 260 5.10 8.83 -0.03
C ILE A 260 6.47 8.16 -0.24
N LYS A 261 7.42 8.85 -0.90
CA LYS A 261 8.74 8.21 -1.06
C LYS A 261 9.41 7.92 0.27
N ARG A 262 9.07 8.62 1.35
CA ARG A 262 9.63 8.33 2.68
C ARG A 262 9.25 6.95 3.19
N ALA A 263 8.16 6.37 2.67
CA ALA A 263 7.63 5.09 3.12
C ALA A 263 8.01 3.94 2.19
N ALA A 264 8.67 4.22 1.07
CA ALA A 264 8.84 3.19 0.06
C ALA A 264 10.04 2.30 0.39
N ARG A 265 10.04 1.09 -0.20
CA ARG A 265 11.27 0.40 -0.53
C ARG A 265 12.23 1.41 -1.15
N SER A 266 13.39 1.57 -0.57
CA SER A 266 14.15 2.72 -1.03
C SER A 266 15.59 2.56 -0.58
N GLU A 267 16.49 3.16 -1.35
CA GLU A 267 17.86 3.33 -0.87
C GLU A 267 18.08 4.71 -0.28
N SER A 268 17.11 5.62 -0.45
CA SER A 268 17.21 7.00 0.00
C SER A 268 16.61 7.25 1.38
N TYR A 269 15.77 6.35 1.89
CA TYR A 269 15.15 6.55 3.20
C TYR A 269 15.08 5.23 3.94
N TYR A 270 15.33 5.29 5.25
CA TYR A 270 15.12 4.17 6.15
C TYR A 270 14.16 4.60 7.25
N ASN A 271 13.02 3.92 7.35
CA ASN A 271 11.93 4.29 8.24
C ASN A 271 11.69 5.80 8.21
N GLY A 272 11.69 6.38 7.00
CA GLY A 272 11.44 7.80 6.82
C GLY A 272 12.60 8.71 7.15
N ILE A 273 13.78 8.17 7.47
CA ILE A 273 14.97 8.95 7.78
C ILE A 273 15.88 8.92 6.55
N SER A 274 16.41 10.09 6.17
CA SER A 274 17.32 10.12 5.02
C SER A 274 18.57 9.29 5.30
N THR A 275 18.98 8.51 4.30
CA THR A 275 20.20 7.72 4.37
C THR A 275 21.36 8.44 3.71
N ASN A 276 21.18 9.69 3.31
CA ASN A 276 22.24 10.47 2.66
C ASN A 276 22.71 11.52 3.66
N LEU A 277 23.58 11.08 4.54
CA LEU A 277 24.04 11.88 5.65
C LEU A 277 25.52 12.21 5.49
PG ANP B . -5.36 6.35 -7.34
O1G ANP B . -4.77 7.09 -6.23
O2G ANP B . -4.32 6.12 -8.48
O3G ANP B . -6.56 7.19 -7.89
PB ANP B . -6.22 3.64 -7.80
O1B ANP B . -7.63 3.65 -8.20
O2B ANP B . -5.33 3.75 -9.05
N3B ANP B . -5.93 4.88 -6.73
PA ANP B . -6.56 1.01 -6.93
O1A ANP B . -6.58 0.34 -8.21
O2A ANP B . -7.93 1.22 -6.31
O3A ANP B . -5.84 2.38 -6.98
O5' ANP B . -5.62 0.20 -6.01
C5' ANP B . -5.87 -0.09 -4.65
C4' ANP B . -5.03 0.75 -3.71
O4' ANP B . -3.63 0.59 -4.01
C3' ANP B . -5.26 2.24 -3.76
O3' ANP B . -6.39 2.61 -2.98
C2' ANP B . -3.96 2.77 -3.14
O2' ANP B . -3.99 2.78 -1.72
C1' ANP B . -2.93 1.75 -3.63
N9 ANP B . -2.15 2.22 -4.76
C8 ANP B . -2.51 2.17 -6.08
N7 ANP B . -1.61 2.68 -6.89
C5 ANP B . -0.61 3.09 -6.05
C6 ANP B . 0.65 3.71 -6.28
N6 ANP B . 1.09 4.04 -7.49
N1 ANP B . 1.44 3.99 -5.21
C2 ANP B . 0.98 3.66 -3.99
N3 ANP B . -0.17 3.08 -3.65
C4 ANP B . -0.92 2.81 -4.73
HOG2 ANP B . -4.18 6.89 -8.92
HOG3 ANP B . -6.39 8.04 -7.77
HOB2 ANP B . -5.80 3.50 -9.77
HNB1 ANP B . -6.67 5.04 -6.24
HOA2 ANP B . -8.52 0.74 -6.76
H5'1 ANP B . -6.81 0.08 -4.47
H5'2 ANP B . -5.69 -1.04 -4.48
H4' ANP B . -5.16 0.44 -2.80
H3' ANP B . -5.33 2.54 -4.67
HO3' ANP B . -6.25 2.38 -2.14
H2' ANP B . -3.74 3.63 -3.50
HO2' ANP B . -4.36 3.53 -1.45
H1' ANP B . -2.34 1.55 -2.88
H8 ANP B . -3.34 1.81 -6.38
HN61 ANP B . 1.45 3.38 -8.04
HN62 ANP B . 1.04 4.89 -7.78
H2 ANP B . 1.59 3.88 -3.26
MG MG C . -9.34 3.13 -6.57
MG MG D . -4.17 4.91 -10.00
N TRF E . -8.37 -3.47 -7.79
CA TRF E . -7.12 -3.42 -7.05
CB TRF E . -7.41 -3.29 -5.56
CG TRF E . -8.54 -4.20 -5.14
CD1 TRF E . -9.87 -3.81 -5.02
NE1 TRF E . -10.59 -4.86 -4.64
CE2 TRF E . -9.79 -5.95 -4.50
CZ2 TRF E . -10.04 -7.30 -4.12
CH2 TRF E . -9.02 -8.24 -4.07
CZ3 TRF E . -7.73 -7.85 -4.38
CE3 TRF E . -7.46 -6.52 -4.75
CD2 TRF E . -8.49 -5.58 -4.82
C TRF E . -6.38 -4.74 -7.27
C1 TRF E . -12.02 -4.80 -4.42
O1 TRF E . -12.68 -5.77 -4.65
O TRF E . -6.87 -5.62 -8.04
OXT TRF E . -5.29 -4.99 -6.70
H2 TRF E . -8.23 -3.79 -8.59
H TRF E . -8.69 -2.67 -7.86
HA TRF E . -6.59 -2.71 -7.35
HB2 TRF E . -6.63 -3.51 -5.08
HB3 TRF E . -7.63 -2.40 -5.38
HD1 TRF E . -10.20 -2.96 -5.17
HZ2 TRF E . -10.91 -7.56 -3.92
HH2 TRF E . -9.20 -9.12 -3.82
HZ3 TRF E . -7.03 -8.46 -4.34
HE3 TRF E . -6.59 -6.27 -4.96
HC1 TRF E . -12.42 -4.03 -4.10
#